data_7RVI
# 
_entry.id   7RVI 
# 
_audit_conform.dict_name       mmcif_pdbx.dic 
_audit_conform.dict_version    5.392 
_audit_conform.dict_location   http://mmcif.pdb.org/dictionaries/ascii/mmcif_pdbx.dic 
# 
loop_
_database_2.database_id 
_database_2.database_code 
_database_2.pdbx_database_accession 
_database_2.pdbx_DOI 
PDB   7RVI         pdb_00007rvi 10.2210/pdb7rvi/pdb 
WWPDB D_1000259066 ?            ?                   
# 
loop_
_pdbx_audit_revision_history.ordinal 
_pdbx_audit_revision_history.data_content_type 
_pdbx_audit_revision_history.major_revision 
_pdbx_audit_revision_history.minor_revision 
_pdbx_audit_revision_history.revision_date 
1 'Structure model' 1 0 2022-08-24 
2 'Structure model' 1 1 2024-05-22 
# 
_pdbx_audit_revision_details.ordinal             1 
_pdbx_audit_revision_details.revision_ordinal    1 
_pdbx_audit_revision_details.data_content_type   'Structure model' 
_pdbx_audit_revision_details.provider            repository 
_pdbx_audit_revision_details.type                'Initial release' 
_pdbx_audit_revision_details.description         ? 
_pdbx_audit_revision_details.details             ? 
# 
_pdbx_audit_revision_group.ordinal             1 
_pdbx_audit_revision_group.revision_ordinal    2 
_pdbx_audit_revision_group.data_content_type   'Structure model' 
_pdbx_audit_revision_group.group               'Data collection' 
# 
loop_
_pdbx_audit_revision_category.ordinal 
_pdbx_audit_revision_category.revision_ordinal 
_pdbx_audit_revision_category.data_content_type 
_pdbx_audit_revision_category.category 
1 2 'Structure model' chem_comp_atom 
2 2 'Structure model' chem_comp_bond 
# 
_pdbx_database_status.status_code                     REL 
_pdbx_database_status.status_code_sf                  REL 
_pdbx_database_status.status_code_mr                  ? 
_pdbx_database_status.entry_id                        7RVI 
_pdbx_database_status.recvd_initial_deposition_date   2021-08-18 
_pdbx_database_status.SG_entry                        N 
_pdbx_database_status.deposit_site                    RCSB 
_pdbx_database_status.process_site                    RCSB 
_pdbx_database_status.status_code_cs                  ? 
_pdbx_database_status.status_code_nmr_data            ? 
_pdbx_database_status.methods_development_category    ? 
_pdbx_database_status.pdb_format_compatible           Y 
# 
loop_
_audit_author.name 
_audit_author.pdbx_ordinal 
_audit_author.identifier_ORCID 
'Glynn, C.'       1 ? 
'Rodriguez, J.A.' 2 ? 
'Hernandez, E.'   3 ? 
# 
_citation.abstract                  ? 
_citation.abstract_id_CAS           ? 
_citation.book_id_ISBN              ? 
_citation.book_publisher            ? 
_citation.book_publisher_city       ? 
_citation.book_title                ? 
_citation.coordinate_linkage        ? 
_citation.country                   ? 
_citation.database_id_Medline       ? 
_citation.details                   ? 
_citation.id                        primary 
_citation.journal_abbrev            'To be published' 
_citation.journal_id_ASTM           ? 
_citation.journal_id_CSD            0353 
_citation.journal_id_ISSN           ? 
_citation.journal_full              ? 
_citation.journal_issue             ? 
_citation.journal_volume            ? 
_citation.language                  ? 
_citation.page_first                ? 
_citation.page_last                 ? 
_citation.title                     
'Structural and Biophysical Consequences of Sequence Variation in the B2a2 Loop of Mammalian Prions' 
_citation.year                      ? 
_citation.database_id_CSD           ? 
_citation.pdbx_database_id_DOI      ? 
_citation.pdbx_database_id_PubMed   ? 
_citation.pdbx_database_id_patent   ? 
_citation.unpublished_flag          ? 
# 
loop_
_citation_author.citation_id 
_citation_author.name 
_citation_author.ordinal 
_citation_author.identifier_ORCID 
primary 'Glynn, C.'           1 ? 
primary 'Hernandez, E.'       2 ? 
primary 'Gallagher-Jones, M.' 3 ? 
primary 'Miao, J.'            4 ? 
primary 'Rodriguez, J.A.'     5 ? 
# 
loop_
_entity.id 
_entity.type 
_entity.src_method 
_entity.pdbx_description 
_entity.formula_weight 
_entity.pdbx_number_of_molecules 
_entity.pdbx_ec 
_entity.pdbx_mutation 
_entity.pdbx_fragment 
_entity.details 
1 polymer     syn 'Major prion protein' 1113.137 1 ? ? 'UNP residues 158-166' ? 
2 non-polymer syn 'CACODYLATE ION'      136.989  1 ? ? ?                      ? 
3 non-polymer syn 'SODIUM ION'          22.990   1 ? ? ?                      ? 
4 water       nat water                 18.015   3 ? ? ?                      ? 
# 
_entity_poly.entity_id                      1 
_entity_poly.type                           'polypeptide(L)' 
_entity_poly.nstd_linkage                   no 
_entity_poly.nstd_monomer                   no 
_entity_poly.pdbx_seq_one_letter_code       QYNNQNSFV 
_entity_poly.pdbx_seq_one_letter_code_can   QYNNQNSFV 
_entity_poly.pdbx_strand_id                 A 
_entity_poly.pdbx_target_identifier         ? 
# 
loop_
_pdbx_entity_nonpoly.entity_id 
_pdbx_entity_nonpoly.name 
_pdbx_entity_nonpoly.comp_id 
2 'CACODYLATE ION' CAC 
3 'SODIUM ION'     NA  
4 water            HOH 
# 
loop_
_entity_poly_seq.entity_id 
_entity_poly_seq.num 
_entity_poly_seq.mon_id 
_entity_poly_seq.hetero 
1 1 GLN n 
1 2 TYR n 
1 3 ASN n 
1 4 ASN n 
1 5 GLN n 
1 6 ASN n 
1 7 SER n 
1 8 PHE n 
1 9 VAL n 
# 
_pdbx_entity_src_syn.entity_id              1 
_pdbx_entity_src_syn.pdbx_src_id            1 
_pdbx_entity_src_syn.pdbx_alt_source_flag   sample 
_pdbx_entity_src_syn.pdbx_beg_seq_num       1 
_pdbx_entity_src_syn.pdbx_end_seq_num       9 
_pdbx_entity_src_syn.organism_scientific    'Heterocephalus glaber' 
_pdbx_entity_src_syn.organism_common_name   'Naked mole rat' 
_pdbx_entity_src_syn.ncbi_taxonomy_id       10181 
_pdbx_entity_src_syn.details                ? 
# 
loop_
_chem_comp.id 
_chem_comp.type 
_chem_comp.mon_nstd_flag 
_chem_comp.name 
_chem_comp.pdbx_synonyms 
_chem_comp.formula 
_chem_comp.formula_weight 
ASN 'L-peptide linking' y ASPARAGINE       ?                'C4 H8 N2 O3'    132.118 
CAC non-polymer         . 'CACODYLATE ION' dimethylarsinate 'C2 H6 As O2 -1' 136.989 
GLN 'L-peptide linking' y GLUTAMINE        ?                'C5 H10 N2 O3'   146.144 
HOH non-polymer         . WATER            ?                'H2 O'           18.015  
NA  non-polymer         . 'SODIUM ION'     ?                'Na 1'           22.990  
PHE 'L-peptide linking' y PHENYLALANINE    ?                'C9 H11 N O2'    165.189 
SER 'L-peptide linking' y SERINE           ?                'C3 H7 N O3'     105.093 
TYR 'L-peptide linking' y TYROSINE         ?                'C9 H11 N O3'    181.189 
VAL 'L-peptide linking' y VALINE           ?                'C5 H11 N O2'    117.146 
# 
loop_
_pdbx_poly_seq_scheme.asym_id 
_pdbx_poly_seq_scheme.entity_id 
_pdbx_poly_seq_scheme.seq_id 
_pdbx_poly_seq_scheme.mon_id 
_pdbx_poly_seq_scheme.ndb_seq_num 
_pdbx_poly_seq_scheme.pdb_seq_num 
_pdbx_poly_seq_scheme.auth_seq_num 
_pdbx_poly_seq_scheme.pdb_mon_id 
_pdbx_poly_seq_scheme.auth_mon_id 
_pdbx_poly_seq_scheme.pdb_strand_id 
_pdbx_poly_seq_scheme.pdb_ins_code 
_pdbx_poly_seq_scheme.hetero 
A 1 1 GLN 1 168 168 GLN GLN A . n 
A 1 2 TYR 2 169 169 TYR TYR A . n 
A 1 3 ASN 3 170 170 ASN ASN A . n 
A 1 4 ASN 4 171 171 ASN ASN A . n 
A 1 5 GLN 5 172 172 GLN GLN A . n 
A 1 6 ASN 6 173 173 ASN ASN A . n 
A 1 7 SER 7 174 174 SER SER A . n 
A 1 8 PHE 8 175 175 PHE PHE A . n 
A 1 9 VAL 9 176 176 VAL VAL A . n 
# 
loop_
_pdbx_nonpoly_scheme.asym_id 
_pdbx_nonpoly_scheme.entity_id 
_pdbx_nonpoly_scheme.mon_id 
_pdbx_nonpoly_scheme.ndb_seq_num 
_pdbx_nonpoly_scheme.pdb_seq_num 
_pdbx_nonpoly_scheme.auth_seq_num 
_pdbx_nonpoly_scheme.pdb_mon_id 
_pdbx_nonpoly_scheme.auth_mon_id 
_pdbx_nonpoly_scheme.pdb_strand_id 
_pdbx_nonpoly_scheme.pdb_ins_code 
B 2 CAC 1 201 1 CAC CAC A . 
C 3 NA  1 202 2 NA  NA  A . 
D 4 HOH 1 301 3 HOH HOH A . 
D 4 HOH 2 302 4 HOH HOH A . 
D 4 HOH 3 303 5 HOH HOH A . 
# 
loop_
_software.citation_id 
_software.classification 
_software.compiler_name 
_software.compiler_version 
_software.contact_author 
_software.contact_author_email 
_software.date 
_software.description 
_software.dependencies 
_software.hardware 
_software.language 
_software.location 
_software.mods 
_software.name 
_software.os 
_software.os_version 
_software.type 
_software.version 
_software.pdbx_ordinal 
? 'data scaling'    ? ? ? ? ? ? ? ? ? ? ? XSCALE      ? ? ? .           1 
? refinement        ? ? ? ? ? ? ? ? ? ? ? PHENIX      ? ? ? 1.19.2_4158 2 
? 'data extraction' ? ? ? ? ? ? ? ? ? ? ? PDB_EXTRACT ? ? ? 3.27        3 
? 'data reduction'  ? ? ? ? ? ? ? ? ? ? ? XDS         ? ? ? .           4 
? phasing           ? ? ? ? ? ? ? ? ? ? ? SHELXD      ? ? ? .           5 
# 
_cell.angle_alpha                  90.000 
_cell.angle_alpha_esd              ? 
_cell.angle_beta                   109.140 
_cell.angle_beta_esd               ? 
_cell.angle_gamma                  90.000 
_cell.angle_gamma_esd              ? 
_cell.entry_id                     7RVI 
_cell.details                      ? 
_cell.formula_units_Z              ? 
_cell.length_a                     62.760 
_cell.length_a_esd                 ? 
_cell.length_b                     4.850 
_cell.length_b_esd                 ? 
_cell.length_c                     21.520 
_cell.length_c_esd                 ? 
_cell.volume                       ? 
_cell.volume_esd                   ? 
_cell.Z_PDB                        4 
_cell.reciprocal_angle_alpha       ? 
_cell.reciprocal_angle_beta        ? 
_cell.reciprocal_angle_gamma       ? 
_cell.reciprocal_angle_alpha_esd   ? 
_cell.reciprocal_angle_beta_esd    ? 
_cell.reciprocal_angle_gamma_esd   ? 
_cell.reciprocal_length_a          ? 
_cell.reciprocal_length_b          ? 
_cell.reciprocal_length_c          ? 
_cell.reciprocal_length_a_esd      ? 
_cell.reciprocal_length_b_esd      ? 
_cell.reciprocal_length_c_esd      ? 
_cell.pdbx_unique_axis             ? 
# 
_symmetry.entry_id                         7RVI 
_symmetry.cell_setting                     ? 
_symmetry.Int_Tables_number                5 
_symmetry.space_group_name_Hall            ? 
_symmetry.space_group_name_H-M             'C 1 2 1' 
_symmetry.pdbx_full_space_group_name_H-M   ? 
# 
_exptl.absorpt_coefficient_mu     ? 
_exptl.absorpt_correction_T_max   ? 
_exptl.absorpt_correction_T_min   ? 
_exptl.absorpt_correction_type    ? 
_exptl.absorpt_process_details    ? 
_exptl.entry_id                   7RVI 
_exptl.crystals_number            1 
_exptl.details                    ? 
_exptl.method                     'ELECTRON CRYSTALLOGRAPHY' 
_exptl.method_details             ? 
# 
_exptl_crystal.colour                      ? 
_exptl_crystal.density_diffrn              ? 
_exptl_crystal.density_Matthews            ? 
_exptl_crystal.density_method              ? 
_exptl_crystal.density_percent_sol         ? 
_exptl_crystal.description                 ? 
_exptl_crystal.F_000                       ? 
_exptl_crystal.id                          1 
_exptl_crystal.preparation                 ? 
_exptl_crystal.size_max                    ? 
_exptl_crystal.size_mid                    ? 
_exptl_crystal.size_min                    ? 
_exptl_crystal.size_rad                    ? 
_exptl_crystal.colour_lustre               ? 
_exptl_crystal.colour_modifier             ? 
_exptl_crystal.colour_primary              ? 
_exptl_crystal.density_meas                ? 
_exptl_crystal.density_meas_esd            ? 
_exptl_crystal.density_meas_gt             ? 
_exptl_crystal.density_meas_lt             ? 
_exptl_crystal.density_meas_temp           ? 
_exptl_crystal.density_meas_temp_esd       ? 
_exptl_crystal.density_meas_temp_gt        ? 
_exptl_crystal.density_meas_temp_lt        ? 
_exptl_crystal.pdbx_crystal_image_url      ? 
_exptl_crystal.pdbx_crystal_image_format   ? 
_exptl_crystal.pdbx_mosaicity              ? 
_exptl_crystal.pdbx_mosaicity_esd          ? 
# 
_exptl_crystal_grow.apparatus       ? 
_exptl_crystal_grow.atmosphere      ? 
_exptl_crystal_grow.crystal_id      1 
_exptl_crystal_grow.details         ? 
_exptl_crystal_grow.method          'VAPOR DIFFUSION, HANGING DROP' 
_exptl_crystal_grow.method_ref      ? 
_exptl_crystal_grow.pH              6.5 
_exptl_crystal_grow.pressure        ? 
_exptl_crystal_grow.pressure_esd    ? 
_exptl_crystal_grow.seeding         ? 
_exptl_crystal_grow.seeding_ref     ? 
_exptl_crystal_grow.temp            298 
_exptl_crystal_grow.temp_details    ? 
_exptl_crystal_grow.temp_esd        ? 
_exptl_crystal_grow.time            ? 
_exptl_crystal_grow.pdbx_details    '0.1 M sodium cacodylate, pH 6.5, 5% isopropanol, 0.1 M zinc acetate' 
_exptl_crystal_grow.pdbx_pH_range   ? 
# 
_diffrn.ambient_environment              ? 
_diffrn.ambient_temp                     100 
_diffrn.ambient_temp_details             ? 
_diffrn.ambient_temp_esd                 ? 
_diffrn.crystal_id                       1 
_diffrn.crystal_support                  ? 
_diffrn.crystal_treatment                ? 
_diffrn.details                          ? 
_diffrn.id                               1 
_diffrn.ambient_pressure                 ? 
_diffrn.ambient_pressure_esd             ? 
_diffrn.ambient_pressure_gt              ? 
_diffrn.ambient_pressure_lt              ? 
_diffrn.ambient_temp_gt                  ? 
_diffrn.ambient_temp_lt                  ? 
_diffrn.pdbx_serial_crystal_experiment   N 
# 
_diffrn_detector.details                      ? 
_diffrn_detector.detector                     CMOS 
_diffrn_detector.diffrn_id                    1 
_diffrn_detector.type                         'TVIPS TEMCAM-F416' 
_diffrn_detector.area_resol_mean              ? 
_diffrn_detector.dtime                        ? 
_diffrn_detector.pdbx_frames_total            ? 
_diffrn_detector.pdbx_collection_time_total   ? 
_diffrn_detector.pdbx_collection_date         2018-06-28 
_diffrn_detector.pdbx_frequency               ? 
# 
_diffrn_radiation.collimation                      ? 
_diffrn_radiation.diffrn_id                        1 
_diffrn_radiation.filter_edge                      ? 
_diffrn_radiation.inhomogeneity                    ? 
_diffrn_radiation.monochromator                    ? 
_diffrn_radiation.polarisn_norm                    ? 
_diffrn_radiation.polarisn_ratio                   ? 
_diffrn_radiation.probe                            ? 
_diffrn_radiation.type                             ? 
_diffrn_radiation.xray_symbol                      ? 
_diffrn_radiation.wavelength_id                    1 
_diffrn_radiation.pdbx_monochromatic_or_laue_m_l   M 
_diffrn_radiation.pdbx_wavelength_list             ? 
_diffrn_radiation.pdbx_wavelength                  ? 
_diffrn_radiation.pdbx_diffrn_protocol             'SINGLE WAVELENGTH' 
_diffrn_radiation.pdbx_analyzer                    ? 
_diffrn_radiation.pdbx_scattering_type             electron 
# 
_diffrn_radiation_wavelength.id           1 
_diffrn_radiation_wavelength.wavelength   0.0251 
_diffrn_radiation_wavelength.wt           1.0 
# 
_diffrn_source.current                     ? 
_diffrn_source.details                     ? 
_diffrn_source.diffrn_id                   1 
_diffrn_source.power                       ? 
_diffrn_source.size                        ? 
_diffrn_source.source                      'ELECTRON MICROSCOPE' 
_diffrn_source.target                      ? 
_diffrn_source.type                        OTHER 
_diffrn_source.voltage                     ? 
_diffrn_source.take-off_angle              ? 
_diffrn_source.pdbx_wavelength_list        0.0251 
_diffrn_source.pdbx_wavelength             ? 
_diffrn_source.pdbx_synchrotron_beamline   ? 
_diffrn_source.pdbx_synchrotron_site       ? 
# 
_reflns.B_iso_Wilson_estimate                          2.750 
_reflns.entry_id                                       7RVI 
_reflns.data_reduction_details                         ? 
_reflns.data_reduction_method                          ? 
_reflns.d_resolution_high                              1.050 
_reflns.d_resolution_low                               10.760 
_reflns.details                                        ? 
_reflns.limit_h_max                                    ? 
_reflns.limit_h_min                                    ? 
_reflns.limit_k_max                                    ? 
_reflns.limit_k_min                                    ? 
_reflns.limit_l_max                                    ? 
_reflns.limit_l_min                                    ? 
_reflns.number_all                                     ? 
_reflns.number_obs                                     2612 
_reflns.observed_criterion                             ? 
_reflns.observed_criterion_F_max                       ? 
_reflns.observed_criterion_F_min                       ? 
_reflns.observed_criterion_I_max                       ? 
_reflns.observed_criterion_I_min                       ? 
_reflns.observed_criterion_sigma_F                     ? 
_reflns.observed_criterion_sigma_I                     ? 
_reflns.percent_possible_obs                           79.900 
_reflns.R_free_details                                 ? 
_reflns.Rmerge_F_all                                   ? 
_reflns.Rmerge_F_obs                                   ? 
_reflns.Friedel_coverage                               ? 
_reflns.number_gt                                      ? 
_reflns.threshold_expression                           ? 
_reflns.pdbx_redundancy                                8.391 
_reflns.pdbx_Rmerge_I_obs                              0.287 
_reflns.pdbx_Rmerge_I_all                              ? 
_reflns.pdbx_Rsym_value                                ? 
_reflns.pdbx_netI_over_av_sigmaI                       ? 
_reflns.pdbx_netI_over_sigmaI                          5.000 
_reflns.pdbx_res_netI_over_av_sigmaI_2                 ? 
_reflns.pdbx_res_netI_over_sigmaI_2                    ? 
_reflns.pdbx_chi_squared                               0.748 
_reflns.pdbx_scaling_rejects                           15 
_reflns.pdbx_d_res_high_opt                            ? 
_reflns.pdbx_d_res_low_opt                             ? 
_reflns.pdbx_d_res_opt_method                          ? 
_reflns.phase_calculation_details                      ? 
_reflns.pdbx_Rrim_I_all                                0.305 
_reflns.pdbx_Rpim_I_all                                ? 
_reflns.pdbx_d_opt                                     ? 
_reflns.pdbx_number_measured_all                       21917 
_reflns.pdbx_diffrn_id                                 1 
_reflns.pdbx_ordinal                                   1 
_reflns.pdbx_CC_half                                   0.981 
_reflns.pdbx_CC_star                                   ? 
_reflns.pdbx_R_split                                   ? 
_reflns.pdbx_aniso_diffraction_limit_axis_1_ortho[1]   ? 
_reflns.pdbx_aniso_diffraction_limit_axis_1_ortho[2]   ? 
_reflns.pdbx_aniso_diffraction_limit_axis_1_ortho[3]   ? 
_reflns.pdbx_aniso_diffraction_limit_axis_2_ortho[1]   ? 
_reflns.pdbx_aniso_diffraction_limit_axis_2_ortho[2]   ? 
_reflns.pdbx_aniso_diffraction_limit_axis_2_ortho[3]   ? 
_reflns.pdbx_aniso_diffraction_limit_axis_3_ortho[1]   ? 
_reflns.pdbx_aniso_diffraction_limit_axis_3_ortho[2]   ? 
_reflns.pdbx_aniso_diffraction_limit_axis_3_ortho[3]   ? 
_reflns.pdbx_aniso_diffraction_limit_1                 ? 
_reflns.pdbx_aniso_diffraction_limit_2                 ? 
_reflns.pdbx_aniso_diffraction_limit_3                 ? 
_reflns.pdbx_aniso_B_tensor_eigenvector_1_ortho[1]     ? 
_reflns.pdbx_aniso_B_tensor_eigenvector_1_ortho[2]     ? 
_reflns.pdbx_aniso_B_tensor_eigenvector_1_ortho[3]     ? 
_reflns.pdbx_aniso_B_tensor_eigenvector_2_ortho[1]     ? 
_reflns.pdbx_aniso_B_tensor_eigenvector_2_ortho[2]     ? 
_reflns.pdbx_aniso_B_tensor_eigenvector_2_ortho[3]     ? 
_reflns.pdbx_aniso_B_tensor_eigenvector_3_ortho[1]     ? 
_reflns.pdbx_aniso_B_tensor_eigenvector_3_ortho[2]     ? 
_reflns.pdbx_aniso_B_tensor_eigenvector_3_ortho[3]     ? 
_reflns.pdbx_aniso_B_tensor_eigenvalue_1               ? 
_reflns.pdbx_aniso_B_tensor_eigenvalue_2               ? 
_reflns.pdbx_aniso_B_tensor_eigenvalue_3               ? 
_reflns.pdbx_orthogonalization_convention              ? 
_reflns.pdbx_percent_possible_ellipsoidal              ? 
_reflns.pdbx_percent_possible_spherical                ? 
_reflns.pdbx_percent_possible_ellipsoidal_anomalous    ? 
_reflns.pdbx_percent_possible_spherical_anomalous      ? 
_reflns.pdbx_redundancy_anomalous                      ? 
_reflns.pdbx_CC_half_anomalous                         ? 
_reflns.pdbx_absDiff_over_sigma_anomalous              ? 
_reflns.pdbx_percent_possible_anomalous                ? 
_reflns.pdbx_observed_signal_threshold                 ? 
_reflns.pdbx_signal_type                               ? 
_reflns.pdbx_signal_details                            ? 
_reflns.pdbx_signal_software_id                        ? 
# 
loop_
_reflns_shell.d_res_high 
_reflns_shell.d_res_low 
_reflns_shell.meanI_over_sigI_all 
_reflns_shell.meanI_over_sigI_obs 
_reflns_shell.number_measured_all 
_reflns_shell.number_measured_obs 
_reflns_shell.number_possible 
_reflns_shell.number_unique_all 
_reflns_shell.number_unique_obs 
_reflns_shell.percent_possible_all 
_reflns_shell.percent_possible_obs 
_reflns_shell.Rmerge_F_all 
_reflns_shell.Rmerge_F_obs 
_reflns_shell.Rmerge_I_all 
_reflns_shell.Rmerge_I_obs 
_reflns_shell.meanI_over_sigI_gt 
_reflns_shell.meanI_over_uI_all 
_reflns_shell.meanI_over_uI_gt 
_reflns_shell.number_measured_gt 
_reflns_shell.number_unique_gt 
_reflns_shell.percent_possible_gt 
_reflns_shell.Rmerge_F_gt 
_reflns_shell.Rmerge_I_gt 
_reflns_shell.pdbx_redundancy 
_reflns_shell.pdbx_Rsym_value 
_reflns_shell.pdbx_chi_squared 
_reflns_shell.pdbx_netI_over_sigmaI_all 
_reflns_shell.pdbx_netI_over_sigmaI_obs 
_reflns_shell.pdbx_Rrim_I_all 
_reflns_shell.pdbx_Rpim_I_all 
_reflns_shell.pdbx_rejects 
_reflns_shell.pdbx_ordinal 
_reflns_shell.pdbx_diffrn_id 
_reflns_shell.pdbx_CC_half 
_reflns_shell.pdbx_CC_star 
_reflns_shell.pdbx_R_split 
_reflns_shell.pdbx_percent_possible_ellipsoidal 
_reflns_shell.pdbx_percent_possible_spherical 
_reflns_shell.pdbx_percent_possible_ellipsoidal_anomalous 
_reflns_shell.pdbx_percent_possible_spherical_anomalous 
_reflns_shell.pdbx_redundancy_anomalous 
_reflns_shell.pdbx_CC_half_anomalous 
_reflns_shell.pdbx_absDiff_over_sigma_anomalous 
_reflns_shell.pdbx_percent_possible_anomalous 
1.050 1.080  ? 2.470  ? 1601 224 ? 187 83.500 ? ? ? ? 0.589 ? ? ? ? ? ? ? ? 8.561 ? ? ? ? 0.623 ? ? 1  1 0.913 ? ? ? ? ? ? ? ? ? ? 
1.080 1.110  ? 3.000  ? 1621 220 ? 185 84.100 ? ? ? ? 0.515 ? ? ? ? ? ? ? ? 8.762 ? ? ? ? 0.544 ? ? 2  1 0.905 ? ? ? ? ? ? ? ? ? ? 
1.110 1.140  ? 3.450  ? 1661 227 ? 189 83.300 ? ? ? ? 0.463 ? ? ? ? ? ? ? ? 8.788 ? ? ? ? 0.488 ? ? 3  1 0.909 ? ? ? ? ? ? ? ? ? ? 
1.140 1.170  ? 3.680  ? 1832 241 ? 196 81.300 ? ? ? ? 0.442 ? ? ? ? ? ? ? ? 9.347 ? ? ? ? 0.466 ? ? 4  1 0.890 ? ? ? ? ? ? ? ? ? ? 
1.170 1.210  ? 4.050  ? 1822 225 ? 187 83.100 ? ? ? ? 0.433 ? ? ? ? ? ? ? ? 9.743 ? ? ? ? 0.456 ? ? 5  1 0.910 ? ? ? ? ? ? ? ? ? ? 
1.210 1.260  ? 3.960  ? 1092 180 ? 144 80.000 ? ? ? ? 0.409 ? ? ? ? ? ? ? ? 7.583 ? ? ? ? 0.436 ? ? 6  1 0.888 ? ? ? ? ? ? ? ? ? ? 
1.260 1.300  ? 4.210  ? 1140 186 ? 151 81.200 ? ? ? ? 0.340 ? ? ? ? ? ? ? ? 7.550 ? ? ? ? 0.362 ? ? 7  1 0.969 ? ? ? ? ? ? ? ? ? ? 
1.300 1.360  ? 4.020  ? 1106 176 ? 143 81.200 ? ? ? ? 0.402 ? ? ? ? ? ? ? ? 7.734 ? ? ? ? 0.427 ? ? 8  1 0.879 ? ? ? ? ? ? ? ? ? ? 
1.360 1.420  ? 4.650  ? 1123 179 ? 142 79.300 ? ? ? ? 0.326 ? ? ? ? ? ? ? ? 7.908 ? ? ? ? 0.346 ? ? 9  1 0.929 ? ? ? ? ? ? ? ? ? ? 
1.420 1.490  ? 5.490  ? 1388 187 ? 154 82.400 ? ? ? ? 0.313 ? ? ? ? ? ? ? ? 9.013 ? ? ? ? 0.331 ? ? 10 1 0.958 ? ? ? ? ? ? ? ? ? ? 
1.490 1.570  ? 5.670  ? 1337 179 ? 144 80.400 ? ? ? ? 0.336 ? ? ? ? ? ? ? ? 9.285 ? ? ? ? 0.355 ? ? 11 1 0.970 ? ? ? ? ? ? ? ? ? ? 
1.570 1.660  ? 6.850  ? 1197 167 ? 133 79.600 ? ? ? ? 0.255 ? ? ? ? ? ? ? ? 9.000 ? ? ? ? 0.269 ? ? 12 1 0.972 ? ? ? ? ? ? ? ? ? ? 
1.660 1.780  ? 6.050  ? 750  133 ? 105 78.900 ? ? ? ? 0.291 ? ? ? ? ? ? ? ? 7.143 ? ? ? ? 0.311 ? ? 13 1 0.910 ? ? ? ? ? ? ? ? ? ? 
1.780 1.920  ? 6.260  ? 795  135 ? 109 80.700 ? ? ? ? 0.294 ? ? ? ? ? ? ? ? 7.294 ? ? ? ? 0.313 ? ? 14 1 0.941 ? ? ? ? ? ? ? ? ? ? 
1.920 2.100  ? 6.810  ? 793  138 ? 109 79.000 ? ? ? ? 0.299 ? ? ? ? ? ? ? ? 7.275 ? ? ? ? 0.318 ? ? 15 1 0.924 ? ? ? ? ? ? ? ? ? ? 
2.100 2.350  ? 8.460  ? 971  135 ? 111 82.200 ? ? ? ? 0.217 ? ? ? ? ? ? ? ? 8.748 ? ? ? ? 0.230 ? ? 16 1 0.981 ? ? ? ? ? ? ? ? ? ? 
2.350 2.710  ? 7.860  ? 575  107 ? 79  73.800 ? ? ? ? 0.222 ? ? ? ? ? ? ? ? 7.278 ? ? ? ? 0.238 ? ? 17 1 0.950 ? ? ? ? ? ? ? ? ? ? 
2.710 3.320  ? 7.840  ? 398  87  ? 61  70.100 ? ? ? ? 0.275 ? ? ? ? ? ? ? ? 6.525 ? ? ? ? 0.295 ? ? 18 1 0.939 ? ? ? ? ? ? ? ? ? ? 
3.320 4.700  ? 10.300 ? 603  94  ? 65  69.100 ? ? ? ? 0.196 ? ? ? ? ? ? ? ? 9.277 ? ? ? ? 0.207 ? ? 19 1 0.994 ? ? ? ? ? ? ? ? ? ? 
4.700 10.760 ? 7.990  ? 112  48  ? 18  37.500 ? ? ? ? 0.152 ? ? ? ? ? ? ? ? 6.222 ? ? ? ? 0.161 ? ? 20 1 0.991 ? ? ? ? ? ? ? ? ? ? 
# 
_refine.aniso_B[1][1]                            ? 
_refine.aniso_B[1][2]                            ? 
_refine.aniso_B[1][3]                            ? 
_refine.aniso_B[2][2]                            ? 
_refine.aniso_B[2][3]                            ? 
_refine.aniso_B[3][3]                            ? 
_refine.B_iso_max                                12.920 
_refine.B_iso_mean                               3.9399 
_refine.B_iso_min                                0.750 
_refine.correlation_coeff_Fo_to_Fc               ? 
_refine.correlation_coeff_Fo_to_Fc_free          ? 
_refine.details                                  ? 
_refine.diff_density_max                         ? 
_refine.diff_density_max_esd                     ? 
_refine.diff_density_min                         ? 
_refine.diff_density_min_esd                     ? 
_refine.diff_density_rms                         ? 
_refine.diff_density_rms_esd                     ? 
_refine.entry_id                                 7RVI 
_refine.pdbx_refine_id                           'ELECTRON CRYSTALLOGRAPHY' 
_refine.ls_abs_structure_details                 ? 
_refine.ls_abs_structure_Flack                   ? 
_refine.ls_abs_structure_Flack_esd               ? 
_refine.ls_abs_structure_Rogers                  ? 
_refine.ls_abs_structure_Rogers_esd              ? 
_refine.ls_d_res_high                            1.0500 
_refine.ls_d_res_low                             10.7600 
_refine.ls_extinction_coef                       ? 
_refine.ls_extinction_coef_esd                   ? 
_refine.ls_extinction_expression                 ? 
_refine.ls_extinction_method                     ? 
_refine.ls_goodness_of_fit_all                   ? 
_refine.ls_goodness_of_fit_all_esd               ? 
_refine.ls_goodness_of_fit_obs                   ? 
_refine.ls_goodness_of_fit_obs_esd               ? 
_refine.ls_hydrogen_treatment                    ? 
_refine.ls_matrix_type                           ? 
_refine.ls_number_constraints                    ? 
_refine.ls_number_parameters                     ? 
_refine.ls_number_reflns_all                     ? 
_refine.ls_number_reflns_obs                     2612 
_refine.ls_number_reflns_R_free                  262 
_refine.ls_number_reflns_R_work                  2350 
_refine.ls_number_restraints                     ? 
_refine.ls_percent_reflns_obs                    80.1700 
_refine.ls_percent_reflns_R_free                 10.0300 
_refine.ls_R_factor_all                          ? 
_refine.ls_R_factor_obs                          0.2271 
_refine.ls_R_factor_R_free                       0.2648 
_refine.ls_R_factor_R_free_error                 ? 
_refine.ls_R_factor_R_free_error_details         ? 
_refine.ls_R_factor_R_work                       0.2222 
_refine.ls_R_Fsqd_factor_obs                     ? 
_refine.ls_R_I_factor_obs                        ? 
_refine.ls_redundancy_reflns_all                 ? 
_refine.ls_redundancy_reflns_obs                 ? 
_refine.ls_restrained_S_all                      ? 
_refine.ls_restrained_S_obs                      ? 
_refine.ls_shift_over_esd_max                    ? 
_refine.ls_shift_over_esd_mean                   ? 
_refine.ls_structure_factor_coef                 ? 
_refine.ls_weighting_details                     ? 
_refine.ls_weighting_scheme                      ? 
_refine.ls_wR_factor_all                         ? 
_refine.ls_wR_factor_obs                         ? 
_refine.ls_wR_factor_R_free                      ? 
_refine.ls_wR_factor_R_work                      ? 
_refine.occupancy_max                            ? 
_refine.occupancy_min                            ? 
_refine.solvent_model_details                    'FLAT BULK SOLVENT MODEL' 
_refine.solvent_model_param_bsol                 ? 
_refine.solvent_model_param_ksol                 ? 
_refine.pdbx_R_complete                          ? 
_refine.ls_R_factor_gt                           ? 
_refine.ls_goodness_of_fit_gt                    ? 
_refine.ls_goodness_of_fit_ref                   ? 
_refine.ls_shift_over_su_max                     ? 
_refine.ls_shift_over_su_max_lt                  ? 
_refine.ls_shift_over_su_mean                    ? 
_refine.ls_shift_over_su_mean_lt                 ? 
_refine.pdbx_ls_sigma_I                          ? 
_refine.pdbx_ls_sigma_F                          1.380 
_refine.pdbx_ls_sigma_Fsqd                       ? 
_refine.pdbx_data_cutoff_high_absF               ? 
_refine.pdbx_data_cutoff_high_rms_absF           ? 
_refine.pdbx_data_cutoff_low_absF                ? 
_refine.pdbx_isotropic_thermal_model             ? 
_refine.pdbx_ls_cross_valid_method               THROUGHOUT 
_refine.pdbx_method_to_determine_struct          'AB INITIO PHASING' 
_refine.pdbx_starting_model                      ? 
_refine.pdbx_stereochemistry_target_values       ML 
_refine.pdbx_R_Free_selection_details            ? 
_refine.pdbx_stereochem_target_val_spec_case     ? 
_refine.pdbx_overall_ESU_R                       ? 
_refine.pdbx_overall_ESU_R_Free                  ? 
_refine.pdbx_solvent_vdw_probe_radii             1.1100 
_refine.pdbx_solvent_ion_probe_radii             ? 
_refine.pdbx_solvent_shrinkage_radii             0.9000 
_refine.pdbx_real_space_R                        ? 
_refine.pdbx_density_correlation                 ? 
_refine.pdbx_pd_number_of_powder_patterns        ? 
_refine.pdbx_pd_number_of_points                 ? 
_refine.pdbx_pd_meas_number_of_points            ? 
_refine.pdbx_pd_proc_ls_prof_R_factor            ? 
_refine.pdbx_pd_proc_ls_prof_wR_factor           ? 
_refine.pdbx_pd_Marquardt_correlation_coeff      ? 
_refine.pdbx_pd_Fsqrd_R_factor                   ? 
_refine.pdbx_pd_ls_matrix_band_width             ? 
_refine.pdbx_overall_phase_error                 26.6700 
_refine.pdbx_overall_SU_R_free_Cruickshank_DPI   ? 
_refine.pdbx_overall_SU_R_free_Blow_DPI          ? 
_refine.pdbx_overall_SU_R_Blow_DPI               ? 
_refine.pdbx_TLS_residual_ADP_flag               ? 
_refine.pdbx_diffrn_id                           1 
_refine.overall_SU_B                             ? 
_refine.overall_SU_ML                            0.1300 
_refine.overall_SU_R_Cruickshank_DPI             ? 
_refine.overall_SU_R_free                        ? 
_refine.overall_FOM_free_R_set                   ? 
_refine.overall_FOM_work_R_set                   ? 
_refine.pdbx_average_fsc_overall                 ? 
_refine.pdbx_average_fsc_work                    ? 
_refine.pdbx_average_fsc_free                    ? 
# 
_refine_hist.pdbx_refine_id                   'ELECTRON CRYSTALLOGRAPHY' 
_refine_hist.cycle_id                         final 
_refine_hist.details                          ? 
_refine_hist.d_res_high                       1.0500 
_refine_hist.d_res_low                        10.7600 
_refine_hist.number_atoms_solvent             3 
_refine_hist.number_atoms_total               88 
_refine_hist.number_reflns_all                ? 
_refine_hist.number_reflns_obs                ? 
_refine_hist.number_reflns_R_free             ? 
_refine_hist.number_reflns_R_work             ? 
_refine_hist.R_factor_all                     ? 
_refine_hist.R_factor_obs                     ? 
_refine_hist.R_factor_R_free                  ? 
_refine_hist.R_factor_R_work                  ? 
_refine_hist.pdbx_number_residues_total       9 
_refine_hist.pdbx_B_iso_mean_ligand           9.46 
_refine_hist.pdbx_B_iso_mean_solvent          9.01 
_refine_hist.pdbx_number_atoms_protein        79 
_refine_hist.pdbx_number_atoms_nucleic_acid   0 
_refine_hist.pdbx_number_atoms_ligand         6 
_refine_hist.pdbx_number_atoms_lipid          ? 
_refine_hist.pdbx_number_atoms_carb           ? 
_refine_hist.pdbx_pseudo_atom_details         ? 
# 
loop_
_refine_ls_shell.pdbx_refine_id 
_refine_ls_shell.d_res_high 
_refine_ls_shell.d_res_low 
_refine_ls_shell.number_reflns_all 
_refine_ls_shell.number_reflns_obs 
_refine_ls_shell.number_reflns_R_free 
_refine_ls_shell.number_reflns_R_work 
_refine_ls_shell.percent_reflns_obs 
_refine_ls_shell.percent_reflns_R_free 
_refine_ls_shell.R_factor_all 
_refine_ls_shell.R_factor_obs 
_refine_ls_shell.R_factor_R_free 
_refine_ls_shell.R_factor_R_free_error 
_refine_ls_shell.R_factor_R_work 
_refine_ls_shell.redundancy_reflns_all 
_refine_ls_shell.redundancy_reflns_obs 
_refine_ls_shell.wR_factor_all 
_refine_ls_shell.wR_factor_obs 
_refine_ls_shell.wR_factor_R_free 
_refine_ls_shell.wR_factor_R_work 
_refine_ls_shell.pdbx_R_complete 
_refine_ls_shell.pdbx_total_number_of_bins_used 
_refine_ls_shell.pdbx_phase_error 
_refine_ls_shell.pdbx_fsc_work 
_refine_ls_shell.pdbx_fsc_free 
'ELECTRON CRYSTALLOGRAPHY' 1.0500 1.3200  1290 . 129 1161 82.0000 . . . 0.2638 0.0000 0.2119 . . . . . . . 2 . . . 
'ELECTRON CRYSTALLOGRAPHY' 1.3200 10.7600 1322 . 133 1189 78.0000 . . . 0.2655 0.0000 0.2280 . . . . . . . 2 . . . 
# 
_struct.entry_id                     7RVI 
_struct.title                        'Segment from naked mole rat (elk T174S) prion protein 168-176 QYNNQNSFV' 
_struct.pdbx_model_details           ? 
_struct.pdbx_formula_weight          ? 
_struct.pdbx_formula_weight_method   ? 
_struct.pdbx_model_type_details      ? 
_struct.pdbx_CASP_flag               N 
# 
_struct_keywords.entry_id        7RVI 
_struct_keywords.text            'amyloid, prion, fibril, naked mole rat, PROTEIN FIBRIL' 
_struct_keywords.pdbx_keywords   'PROTEIN FIBRIL' 
# 
loop_
_struct_asym.id 
_struct_asym.pdbx_blank_PDB_chainid_flag 
_struct_asym.pdbx_modified 
_struct_asym.entity_id 
_struct_asym.details 
A N N 1 ? 
B N N 2 ? 
C N N 3 ? 
D N N 4 ? 
# 
_struct_ref.id                         1 
_struct_ref.db_name                    UNP 
_struct_ref.db_code                    G5B4V6_HETGA 
_struct_ref.pdbx_db_accession          G5B4V6 
_struct_ref.pdbx_db_isoform            ? 
_struct_ref.entity_id                  1 
_struct_ref.pdbx_seq_one_letter_code   QYNNQNSFV 
_struct_ref.pdbx_align_begin           158 
# 
_struct_ref_seq.align_id                      1 
_struct_ref_seq.ref_id                        1 
_struct_ref_seq.pdbx_PDB_id_code              7RVI 
_struct_ref_seq.pdbx_strand_id                A 
_struct_ref_seq.seq_align_beg                 1 
_struct_ref_seq.pdbx_seq_align_beg_ins_code   ? 
_struct_ref_seq.seq_align_end                 9 
_struct_ref_seq.pdbx_seq_align_end_ins_code   ? 
_struct_ref_seq.pdbx_db_accession             G5B4V6 
_struct_ref_seq.db_align_beg                  158 
_struct_ref_seq.pdbx_db_align_beg_ins_code    ? 
_struct_ref_seq.db_align_end                  166 
_struct_ref_seq.pdbx_db_align_end_ins_code    ? 
_struct_ref_seq.pdbx_auth_seq_align_beg       168 
_struct_ref_seq.pdbx_auth_seq_align_end       176 
# 
_pdbx_struct_assembly.id                   1 
_pdbx_struct_assembly.details              author_defined_assembly 
_pdbx_struct_assembly.method_details       ? 
_pdbx_struct_assembly.oligomeric_details   monomeric 
_pdbx_struct_assembly.oligomeric_count     1 
# 
loop_
_pdbx_struct_assembly_prop.biol_id 
_pdbx_struct_assembly_prop.type 
_pdbx_struct_assembly_prop.value 
_pdbx_struct_assembly_prop.details 
1 'ABSA (A^2)' 140  ? 
1 MORE         -4   ? 
1 'SSA (A^2)'  1590 ? 
# 
_pdbx_struct_assembly_gen.assembly_id       1 
_pdbx_struct_assembly_gen.oper_expression   1 
_pdbx_struct_assembly_gen.asym_id_list      A,B,C,D 
# 
_pdbx_struct_assembly_auth_evidence.id                     1 
_pdbx_struct_assembly_auth_evidence.assembly_id            1 
_pdbx_struct_assembly_auth_evidence.experimental_support   'electron microscopy' 
_pdbx_struct_assembly_auth_evidence.details                ? 
# 
_pdbx_struct_oper_list.id                   1 
_pdbx_struct_oper_list.type                 'identity operation' 
_pdbx_struct_oper_list.name                 1_555 
_pdbx_struct_oper_list.symmetry_operation   x,y,z 
_pdbx_struct_oper_list.matrix[1][1]         1.0000000000 
_pdbx_struct_oper_list.matrix[1][2]         0.0000000000 
_pdbx_struct_oper_list.matrix[1][3]         0.0000000000 
_pdbx_struct_oper_list.vector[1]            0.0000000000 
_pdbx_struct_oper_list.matrix[2][1]         0.0000000000 
_pdbx_struct_oper_list.matrix[2][2]         1.0000000000 
_pdbx_struct_oper_list.matrix[2][3]         0.0000000000 
_pdbx_struct_oper_list.vector[2]            0.0000000000 
_pdbx_struct_oper_list.matrix[3][1]         0.0000000000 
_pdbx_struct_oper_list.matrix[3][2]         0.0000000000 
_pdbx_struct_oper_list.matrix[3][3]         1.0000000000 
_pdbx_struct_oper_list.vector[3]            0.0000000000 
# 
loop_
_struct_conn.id 
_struct_conn.conn_type_id 
_struct_conn.pdbx_leaving_atom_flag 
_struct_conn.pdbx_PDB_id 
_struct_conn.ptnr1_label_asym_id 
_struct_conn.ptnr1_label_comp_id 
_struct_conn.ptnr1_label_seq_id 
_struct_conn.ptnr1_label_atom_id 
_struct_conn.pdbx_ptnr1_label_alt_id 
_struct_conn.pdbx_ptnr1_PDB_ins_code 
_struct_conn.pdbx_ptnr1_standard_comp_id 
_struct_conn.ptnr1_symmetry 
_struct_conn.ptnr2_label_asym_id 
_struct_conn.ptnr2_label_comp_id 
_struct_conn.ptnr2_label_seq_id 
_struct_conn.ptnr2_label_atom_id 
_struct_conn.pdbx_ptnr2_label_alt_id 
_struct_conn.pdbx_ptnr2_PDB_ins_code 
_struct_conn.ptnr1_auth_asym_id 
_struct_conn.ptnr1_auth_comp_id 
_struct_conn.ptnr1_auth_seq_id 
_struct_conn.ptnr2_auth_asym_id 
_struct_conn.ptnr2_auth_comp_id 
_struct_conn.ptnr2_auth_seq_id 
_struct_conn.ptnr2_symmetry 
_struct_conn.pdbx_ptnr3_label_atom_id 
_struct_conn.pdbx_ptnr3_label_seq_id 
_struct_conn.pdbx_ptnr3_label_comp_id 
_struct_conn.pdbx_ptnr3_label_asym_id 
_struct_conn.pdbx_ptnr3_label_alt_id 
_struct_conn.pdbx_ptnr3_PDB_ins_code 
_struct_conn.details 
_struct_conn.pdbx_dist_value 
_struct_conn.pdbx_value_order 
_struct_conn.pdbx_role 
metalc1 metalc ? ? A VAL 9 O   ? ? ? 1_555 C NA . NA ? ? A VAL 176 A NA 202 3_454 ? ? ? ? ? ? ? 2.060 ? ? 
metalc2 metalc ? ? A VAL 9 OXT ? ? ? 1_555 C NA . NA ? ? A VAL 176 A NA 202 3_454 ? ? ? ? ? ? ? 2.530 ? ? 
metalc3 metalc ? ? B CAC . O2  ? ? ? 1_555 C NA . NA ? ? A CAC 201 A NA 202 1_555 ? ? ? ? ? ? ? 1.983 ? ? 
metalc4 metalc ? ? B CAC . O1  ? ? ? 1_555 C NA . NA ? ? A CAC 201 A NA 202 1_545 ? ? ? ? ? ? ? 2.066 ? ? 
# 
_struct_conn_type.id          metalc 
_struct_conn_type.criteria    ? 
_struct_conn_type.reference   ? 
# 
loop_
_pdbx_struct_conn_angle.id 
_pdbx_struct_conn_angle.ptnr1_label_atom_id 
_pdbx_struct_conn_angle.ptnr1_label_alt_id 
_pdbx_struct_conn_angle.ptnr1_label_asym_id 
_pdbx_struct_conn_angle.ptnr1_label_comp_id 
_pdbx_struct_conn_angle.ptnr1_label_seq_id 
_pdbx_struct_conn_angle.ptnr1_auth_atom_id 
_pdbx_struct_conn_angle.ptnr1_auth_asym_id 
_pdbx_struct_conn_angle.ptnr1_auth_comp_id 
_pdbx_struct_conn_angle.ptnr1_auth_seq_id 
_pdbx_struct_conn_angle.ptnr1_PDB_ins_code 
_pdbx_struct_conn_angle.ptnr1_symmetry 
_pdbx_struct_conn_angle.ptnr2_label_atom_id 
_pdbx_struct_conn_angle.ptnr2_label_alt_id 
_pdbx_struct_conn_angle.ptnr2_label_asym_id 
_pdbx_struct_conn_angle.ptnr2_label_comp_id 
_pdbx_struct_conn_angle.ptnr2_label_seq_id 
_pdbx_struct_conn_angle.ptnr2_auth_atom_id 
_pdbx_struct_conn_angle.ptnr2_auth_asym_id 
_pdbx_struct_conn_angle.ptnr2_auth_comp_id 
_pdbx_struct_conn_angle.ptnr2_auth_seq_id 
_pdbx_struct_conn_angle.ptnr2_PDB_ins_code 
_pdbx_struct_conn_angle.ptnr2_symmetry 
_pdbx_struct_conn_angle.ptnr3_label_atom_id 
_pdbx_struct_conn_angle.ptnr3_label_alt_id 
_pdbx_struct_conn_angle.ptnr3_label_asym_id 
_pdbx_struct_conn_angle.ptnr3_label_comp_id 
_pdbx_struct_conn_angle.ptnr3_label_seq_id 
_pdbx_struct_conn_angle.ptnr3_auth_atom_id 
_pdbx_struct_conn_angle.ptnr3_auth_asym_id 
_pdbx_struct_conn_angle.ptnr3_auth_comp_id 
_pdbx_struct_conn_angle.ptnr3_auth_seq_id 
_pdbx_struct_conn_angle.ptnr3_PDB_ins_code 
_pdbx_struct_conn_angle.ptnr3_symmetry 
_pdbx_struct_conn_angle.value 
_pdbx_struct_conn_angle.value_esd 
1 O   ? A VAL 9 ? A VAL 176 ? 1_555 NA ? C NA . ? A NA 202 ? 3_454 OXT ? A VAL 9 ? A VAL 176 ? 1_555 53.8 ? 
2 O   ? A VAL 9 ? A VAL 176 ? 1_555 NA ? C NA . ? A NA 202 ? 3_454 O2  ? B CAC . ? A CAC 201 ? 1_555 17.5 ? 
3 OXT ? A VAL 9 ? A VAL 176 ? 1_555 NA ? C NA . ? A NA 202 ? 3_454 O2  ? B CAC . ? A CAC 201 ? 1_555 71.1 ? 
4 O   ? A VAL 9 ? A VAL 176 ? 1_555 NA ? C NA . ? A NA 202 ? 3_454 O1  ? B CAC . ? A CAC 201 ? 1_555 16.0 ? 
5 OXT ? A VAL 9 ? A VAL 176 ? 1_555 NA ? C NA . ? A NA 202 ? 3_454 O1  ? B CAC . ? A CAC 201 ? 1_555 69.8 ? 
6 O2  ? B CAC . ? A CAC 201 ? 1_555 NA ? C NA . ? A NA 202 ? 3_454 O1  ? B CAC . ? A CAC 201 ? 1_555 3.7  ? 
# 
_pdbx_entry_details.entry_id                 7RVI 
_pdbx_entry_details.has_ligand_of_interest   N 
_pdbx_entry_details.compound_details         ? 
_pdbx_entry_details.source_details           ? 
_pdbx_entry_details.nonpolymer_details       ? 
_pdbx_entry_details.sequence_details         ? 
# 
_em_3d_reconstruction.entry_id                    7RVI 
_em_3d_reconstruction.id                          1 
_em_3d_reconstruction.algorithm                   ? 
_em_3d_reconstruction.details                     ? 
_em_3d_reconstruction.refinement_type             ? 
_em_3d_reconstruction.image_processing_id         1 
_em_3d_reconstruction.num_class_averages          ? 
_em_3d_reconstruction.num_particles               ? 
_em_3d_reconstruction.resolution                  1.05 
_em_3d_reconstruction.resolution_method           'DIFFRACTION PATTERN/LAYERLINES' 
_em_3d_reconstruction.symmetry_type               '3D CRYSTAL' 
_em_3d_reconstruction.method                      ? 
_em_3d_reconstruction.nominal_pixel_size          ? 
_em_3d_reconstruction.actual_pixel_size           ? 
_em_3d_reconstruction.magnification_calibration   ? 
# 
_em_entity_assembly.details              ? 
_em_entity_assembly.entity_id_list       1 
_em_entity_assembly.id                   1 
_em_entity_assembly.name                 'Major prion protein' 
_em_entity_assembly.oligomeric_details   ? 
_em_entity_assembly.parent_id            0 
_em_entity_assembly.source               NATURAL 
_em_entity_assembly.synonym              ? 
_em_entity_assembly.type                 COMPLEX 
# 
_em_imaging.id                              1 
_em_imaging.entry_id                        7RVI 
_em_imaging.accelerating_voltage            300 
_em_imaging.alignment_procedure             . 
_em_imaging.c2_aperture_diameter            . 
_em_imaging.calibrated_defocus_max          ? 
_em_imaging.calibrated_defocus_min          ? 
_em_imaging.calibrated_magnification        ? 
_em_imaging.cryogen                         NITROGEN 
_em_imaging.details                         ? 
_em_imaging.electron_source                 'FIELD EMISSION GUN' 
_em_imaging.illumination_mode               'FLOOD BEAM' 
_em_imaging.microscope_model                'FEI TECNAI F30' 
_em_imaging.mode                            DIFFRACTION 
_em_imaging.nominal_cs                      ? 
_em_imaging.nominal_defocus_max             ? 
_em_imaging.nominal_defocus_min             ? 
_em_imaging.nominal_magnification           ? 
_em_imaging.recording_temperature_maximum   ? 
_em_imaging.recording_temperature_minimum   ? 
_em_imaging.residual_tilt                   ? 
_em_imaging.specimen_holder_model           . 
_em_imaging.specimen_id                     1 
_em_imaging.citation_id                     ? 
_em_imaging.date                            ? 
_em_imaging.temperature                     ? 
_em_imaging.tilt_angle_min                  ? 
_em_imaging.tilt_angle_max                  ? 
_em_imaging.astigmatism                     ? 
_em_imaging.detector_distance               ? 
_em_imaging.electron_beam_tilt_params       ? 
_em_imaging.specimen_holder_type            ? 
# 
_em_experiment.entry_id                7RVI 
_em_experiment.id                      1 
_em_experiment.aggregation_state       '3D ARRAY' 
_em_experiment.reconstruction_method   CRYSTALLOGRAPHY 
_em_experiment.entity_assembly_id      1 
# 
loop_
_chem_comp_atom.comp_id 
_chem_comp_atom.atom_id 
_chem_comp_atom.type_symbol 
_chem_comp_atom.pdbx_aromatic_flag 
_chem_comp_atom.pdbx_stereo_config 
_chem_comp_atom.pdbx_ordinal 
ASN N    N  N N 1   
ASN CA   C  N S 2   
ASN C    C  N N 3   
ASN O    O  N N 4   
ASN CB   C  N N 5   
ASN CG   C  N N 6   
ASN OD1  O  N N 7   
ASN ND2  N  N N 8   
ASN OXT  O  N N 9   
ASN H    H  N N 10  
ASN H2   H  N N 11  
ASN HA   H  N N 12  
ASN HB2  H  N N 13  
ASN HB3  H  N N 14  
ASN HD21 H  N N 15  
ASN HD22 H  N N 16  
ASN HXT  H  N N 17  
CAC AS   AS N N 18  
CAC O1   O  N N 19  
CAC O2   O  N N 20  
CAC C1   C  N N 21  
CAC C2   C  N N 22  
CAC H11  H  N N 23  
CAC H12  H  N N 24  
CAC H13  H  N N 25  
CAC H21  H  N N 26  
CAC H22  H  N N 27  
CAC H23  H  N N 28  
GLN N    N  N N 29  
GLN CA   C  N S 30  
GLN C    C  N N 31  
GLN O    O  N N 32  
GLN CB   C  N N 33  
GLN CG   C  N N 34  
GLN CD   C  N N 35  
GLN OE1  O  N N 36  
GLN NE2  N  N N 37  
GLN OXT  O  N N 38  
GLN H    H  N N 39  
GLN H2   H  N N 40  
GLN HA   H  N N 41  
GLN HB2  H  N N 42  
GLN HB3  H  N N 43  
GLN HG2  H  N N 44  
GLN HG3  H  N N 45  
GLN HE21 H  N N 46  
GLN HE22 H  N N 47  
GLN HXT  H  N N 48  
HOH O    O  N N 49  
HOH H1   H  N N 50  
HOH H2   H  N N 51  
NA  NA   NA N N 52  
PHE N    N  N N 53  
PHE CA   C  N S 54  
PHE C    C  N N 55  
PHE O    O  N N 56  
PHE CB   C  N N 57  
PHE CG   C  Y N 58  
PHE CD1  C  Y N 59  
PHE CD2  C  Y N 60  
PHE CE1  C  Y N 61  
PHE CE2  C  Y N 62  
PHE CZ   C  Y N 63  
PHE OXT  O  N N 64  
PHE H    H  N N 65  
PHE H2   H  N N 66  
PHE HA   H  N N 67  
PHE HB2  H  N N 68  
PHE HB3  H  N N 69  
PHE HD1  H  N N 70  
PHE HD2  H  N N 71  
PHE HE1  H  N N 72  
PHE HE2  H  N N 73  
PHE HZ   H  N N 74  
PHE HXT  H  N N 75  
SER N    N  N N 76  
SER CA   C  N S 77  
SER C    C  N N 78  
SER O    O  N N 79  
SER CB   C  N N 80  
SER OG   O  N N 81  
SER OXT  O  N N 82  
SER H    H  N N 83  
SER H2   H  N N 84  
SER HA   H  N N 85  
SER HB2  H  N N 86  
SER HB3  H  N N 87  
SER HG   H  N N 88  
SER HXT  H  N N 89  
TYR N    N  N N 90  
TYR CA   C  N S 91  
TYR C    C  N N 92  
TYR O    O  N N 93  
TYR CB   C  N N 94  
TYR CG   C  Y N 95  
TYR CD1  C  Y N 96  
TYR CD2  C  Y N 97  
TYR CE1  C  Y N 98  
TYR CE2  C  Y N 99  
TYR CZ   C  Y N 100 
TYR OH   O  N N 101 
TYR OXT  O  N N 102 
TYR H    H  N N 103 
TYR H2   H  N N 104 
TYR HA   H  N N 105 
TYR HB2  H  N N 106 
TYR HB3  H  N N 107 
TYR HD1  H  N N 108 
TYR HD2  H  N N 109 
TYR HE1  H  N N 110 
TYR HE2  H  N N 111 
TYR HH   H  N N 112 
TYR HXT  H  N N 113 
VAL N    N  N N 114 
VAL CA   C  N S 115 
VAL C    C  N N 116 
VAL O    O  N N 117 
VAL CB   C  N N 118 
VAL CG1  C  N N 119 
VAL CG2  C  N N 120 
VAL OXT  O  N N 121 
VAL H    H  N N 122 
VAL H2   H  N N 123 
VAL HA   H  N N 124 
VAL HB   H  N N 125 
VAL HG11 H  N N 126 
VAL HG12 H  N N 127 
VAL HG13 H  N N 128 
VAL HG21 H  N N 129 
VAL HG22 H  N N 130 
VAL HG23 H  N N 131 
VAL HXT  H  N N 132 
# 
loop_
_chem_comp_bond.comp_id 
_chem_comp_bond.atom_id_1 
_chem_comp_bond.atom_id_2 
_chem_comp_bond.value_order 
_chem_comp_bond.pdbx_aromatic_flag 
_chem_comp_bond.pdbx_stereo_config 
_chem_comp_bond.pdbx_ordinal 
ASN N   CA   sing N N 1   
ASN N   H    sing N N 2   
ASN N   H2   sing N N 3   
ASN CA  C    sing N N 4   
ASN CA  CB   sing N N 5   
ASN CA  HA   sing N N 6   
ASN C   O    doub N N 7   
ASN C   OXT  sing N N 8   
ASN CB  CG   sing N N 9   
ASN CB  HB2  sing N N 10  
ASN CB  HB3  sing N N 11  
ASN CG  OD1  doub N N 12  
ASN CG  ND2  sing N N 13  
ASN ND2 HD21 sing N N 14  
ASN ND2 HD22 sing N N 15  
ASN OXT HXT  sing N N 16  
CAC AS  O1   doub N N 17  
CAC AS  O2   sing N N 18  
CAC AS  C1   sing N N 19  
CAC AS  C2   sing N N 20  
CAC C1  H11  sing N N 21  
CAC C1  H12  sing N N 22  
CAC C1  H13  sing N N 23  
CAC C2  H21  sing N N 24  
CAC C2  H22  sing N N 25  
CAC C2  H23  sing N N 26  
GLN N   CA   sing N N 27  
GLN N   H    sing N N 28  
GLN N   H2   sing N N 29  
GLN CA  C    sing N N 30  
GLN CA  CB   sing N N 31  
GLN CA  HA   sing N N 32  
GLN C   O    doub N N 33  
GLN C   OXT  sing N N 34  
GLN CB  CG   sing N N 35  
GLN CB  HB2  sing N N 36  
GLN CB  HB3  sing N N 37  
GLN CG  CD   sing N N 38  
GLN CG  HG2  sing N N 39  
GLN CG  HG3  sing N N 40  
GLN CD  OE1  doub N N 41  
GLN CD  NE2  sing N N 42  
GLN NE2 HE21 sing N N 43  
GLN NE2 HE22 sing N N 44  
GLN OXT HXT  sing N N 45  
HOH O   H1   sing N N 46  
HOH O   H2   sing N N 47  
PHE N   CA   sing N N 48  
PHE N   H    sing N N 49  
PHE N   H2   sing N N 50  
PHE CA  C    sing N N 51  
PHE CA  CB   sing N N 52  
PHE CA  HA   sing N N 53  
PHE C   O    doub N N 54  
PHE C   OXT  sing N N 55  
PHE CB  CG   sing N N 56  
PHE CB  HB2  sing N N 57  
PHE CB  HB3  sing N N 58  
PHE CG  CD1  doub Y N 59  
PHE CG  CD2  sing Y N 60  
PHE CD1 CE1  sing Y N 61  
PHE CD1 HD1  sing N N 62  
PHE CD2 CE2  doub Y N 63  
PHE CD2 HD2  sing N N 64  
PHE CE1 CZ   doub Y N 65  
PHE CE1 HE1  sing N N 66  
PHE CE2 CZ   sing Y N 67  
PHE CE2 HE2  sing N N 68  
PHE CZ  HZ   sing N N 69  
PHE OXT HXT  sing N N 70  
SER N   CA   sing N N 71  
SER N   H    sing N N 72  
SER N   H2   sing N N 73  
SER CA  C    sing N N 74  
SER CA  CB   sing N N 75  
SER CA  HA   sing N N 76  
SER C   O    doub N N 77  
SER C   OXT  sing N N 78  
SER CB  OG   sing N N 79  
SER CB  HB2  sing N N 80  
SER CB  HB3  sing N N 81  
SER OG  HG   sing N N 82  
SER OXT HXT  sing N N 83  
TYR N   CA   sing N N 84  
TYR N   H    sing N N 85  
TYR N   H2   sing N N 86  
TYR CA  C    sing N N 87  
TYR CA  CB   sing N N 88  
TYR CA  HA   sing N N 89  
TYR C   O    doub N N 90  
TYR C   OXT  sing N N 91  
TYR CB  CG   sing N N 92  
TYR CB  HB2  sing N N 93  
TYR CB  HB3  sing N N 94  
TYR CG  CD1  doub Y N 95  
TYR CG  CD2  sing Y N 96  
TYR CD1 CE1  sing Y N 97  
TYR CD1 HD1  sing N N 98  
TYR CD2 CE2  doub Y N 99  
TYR CD2 HD2  sing N N 100 
TYR CE1 CZ   doub Y N 101 
TYR CE1 HE1  sing N N 102 
TYR CE2 CZ   sing Y N 103 
TYR CE2 HE2  sing N N 104 
TYR CZ  OH   sing N N 105 
TYR OH  HH   sing N N 106 
TYR OXT HXT  sing N N 107 
VAL N   CA   sing N N 108 
VAL N   H    sing N N 109 
VAL N   H2   sing N N 110 
VAL CA  C    sing N N 111 
VAL CA  CB   sing N N 112 
VAL CA  HA   sing N N 113 
VAL C   O    doub N N 114 
VAL C   OXT  sing N N 115 
VAL CB  CG1  sing N N 116 
VAL CB  CG2  sing N N 117 
VAL CB  HB   sing N N 118 
VAL CG1 HG11 sing N N 119 
VAL CG1 HG12 sing N N 120 
VAL CG1 HG13 sing N N 121 
VAL CG2 HG21 sing N N 122 
VAL CG2 HG22 sing N N 123 
VAL CG2 HG23 sing N N 124 
VAL OXT HXT  sing N N 125 
# 
_em_3d_crystal_entity.id                    1 
_em_3d_crystal_entity.image_processing_id   1 
_em_3d_crystal_entity.angle_alpha           90.000 
_em_3d_crystal_entity.angle_beta            109.140 
_em_3d_crystal_entity.angle_gamma           90.000 
_em_3d_crystal_entity.length_a              62.760 
_em_3d_crystal_entity.length_b              4.850 
_em_3d_crystal_entity.length_c              21.520 
_em_3d_crystal_entity.space_group_name      'P 1' 
_em_3d_crystal_entity.space_group_num       1 
# 
_em_diffraction.id                1 
_em_diffraction.camera_length     1 
_em_diffraction.imaging_id        1 
_em_diffraction.tilt_angle_list   ? 
# 
_em_entity_assembly_naturalsource.cell                 ? 
_em_entity_assembly_naturalsource.cellular_location    ? 
_em_entity_assembly_naturalsource.entity_assembly_id   1 
_em_entity_assembly_naturalsource.id                   1 
_em_entity_assembly_naturalsource.ncbi_tax_id          10181 
_em_entity_assembly_naturalsource.organ                ? 
_em_entity_assembly_naturalsource.organelle            ? 
_em_entity_assembly_naturalsource.organism             'Heterocephalus glaber' 
_em_entity_assembly_naturalsource.strain               ? 
_em_entity_assembly_naturalsource.tissue               ? 
# 
_em_image_processing.id                   1 
_em_image_processing.image_recording_id   1 
_em_image_processing.details              ? 
# 
_em_image_recording.id                            1 
_em_image_recording.imaging_id                    1 
_em_image_recording.avg_electron_dose_per_image   . 
_em_image_recording.average_exposure_time         . 
_em_image_recording.details                       ? 
_em_image_recording.detector_mode                 ? 
_em_image_recording.film_or_detector_model        'TVIPS TEMCAM-F416 (4k x 4k)' 
_em_image_recording.num_diffraction_images        . 
_em_image_recording.num_grids_imaged              1 
_em_image_recording.num_real_images               1 
# 
_em_specimen.id                      1 
_em_specimen.experiment_id           1 
_em_specimen.concentration           ? 
_em_specimen.details                 ? 
_em_specimen.embedding_applied       NO 
_em_specimen.shadowing_applied       NO 
_em_specimen.staining_applied        NO 
_em_specimen.vitrification_applied   NO 
# 
loop_
_pdbx_audit_support.funding_organization 
_pdbx_audit_support.country 
_pdbx_audit_support.grant_number 
_pdbx_audit_support.ordinal 
'National Institutes of Health/National Institute of General Medical Sciences (NIH/NIGMS)'        'United States' R35GM128867  1 
'National Institutes of Health/National Institute Of Allergy and Infectious Diseases (NIH/NIAID)' 'United States' 1F31AI143368 2 
# 
_atom_sites.entry_id                    7RVI 
_atom_sites.Cartn_transf_matrix[1][1]   ? 
_atom_sites.Cartn_transf_matrix[1][2]   ? 
_atom_sites.Cartn_transf_matrix[1][3]   ? 
_atom_sites.Cartn_transf_matrix[2][1]   ? 
_atom_sites.Cartn_transf_matrix[2][2]   ? 
_atom_sites.Cartn_transf_matrix[2][3]   ? 
_atom_sites.Cartn_transf_matrix[3][1]   ? 
_atom_sites.Cartn_transf_matrix[3][2]   ? 
_atom_sites.Cartn_transf_matrix[3][3]   ? 
_atom_sites.Cartn_transf_vector[1]      ? 
_atom_sites.Cartn_transf_vector[2]      ? 
_atom_sites.Cartn_transf_vector[3]      ? 
_atom_sites.fract_transf_matrix[1][1]   -0.01424600 
_atom_sites.fract_transf_matrix[1][2]   -0.00899194 
_atom_sites.fract_transf_matrix[1][3]   0.00081845 
_atom_sites.fract_transf_matrix[2][1]   -0.05385117 
_atom_sites.fract_transf_matrix[2][2]   0.06830116 
_atom_sites.fract_transf_matrix[2][3]   -0.18694296 
_atom_sites.fract_transf_matrix[3][1]   0.00809288 
_atom_sites.fract_transf_matrix[3][2]   -0.04477251 
_atom_sites.fract_transf_matrix[3][3]   -0.01868926 
_atom_sites.fract_transf_vector[1]      0.183908 
_atom_sites.fract_transf_vector[2]      -0.060160 
_atom_sites.fract_transf_vector[3]      0.657401 
_atom_sites.solution_primary            ? 
_atom_sites.solution_secondary          ? 
_atom_sites.solution_hydrogens          ? 
_atom_sites.special_details             ? 
# 
loop_
_atom_type.symbol 
AS 
C  
N  
NA 
O  
# 
loop_
_atom_site.group_PDB 
_atom_site.id 
_atom_site.type_symbol 
_atom_site.label_atom_id 
_atom_site.label_alt_id 
_atom_site.label_comp_id 
_atom_site.label_asym_id 
_atom_site.label_entity_id 
_atom_site.label_seq_id 
_atom_site.pdbx_PDB_ins_code 
_atom_site.Cartn_x 
_atom_site.Cartn_y 
_atom_site.Cartn_z 
_atom_site.occupancy 
_atom_site.B_iso_or_equiv 
_atom_site.pdbx_formal_charge 
_atom_site.auth_seq_id 
_atom_site.auth_comp_id 
_atom_site.auth_asym_id 
_atom_site.auth_atom_id 
_atom_site.pdbx_PDB_model_num 
ATOM   1  N  N   . GLN A 1 1 ? -9.051  -11.103 -2.337 1.00 4.46  ? 168 GLN A N   1 
ATOM   2  C  CA  . GLN A 1 1 ? -7.748  -10.803 -1.774 1.00 2.31  ? 168 GLN A CA  1 
ATOM   3  C  C   . GLN A 1 1 ? -7.572  -9.287  -1.750 1.00 2.11  ? 168 GLN A C   1 
ATOM   4  O  O   . GLN A 1 1 ? -8.035  -8.619  -2.657 1.00 4.13  ? 168 GLN A O   1 
ATOM   5  C  CB  . GLN A 1 1 ? -6.665  -11.464 -2.616 1.00 2.31  ? 168 GLN A CB  1 
ATOM   6  C  CG  . GLN A 1 1 ? -6.692  -13.025 -2.547 1.00 3.97  ? 168 GLN A CG  1 
ATOM   7  C  CD  . GLN A 1 1 ? -5.885  -13.699 -3.651 1.00 1.62  ? 168 GLN A CD  1 
ATOM   8  O  OE1 . GLN A 1 1 ? -5.895  -13.249 -4.791 1.00 7.17  ? 168 GLN A OE1 1 
ATOM   9  N  NE2 . GLN A 1 1 ? -5.168  -14.757 -3.320 1.00 4.78  ? 168 GLN A NE2 1 
ATOM   10 N  N   . TYR A 1 2 ? -6.938  -8.748  -0.704 1.00 2.99  ? 169 TYR A N   1 
ATOM   11 C  CA  . TYR A 1 2 ? -6.811  -7.299  -0.515 1.00 1.87  ? 169 TYR A CA  1 
ATOM   12 C  C   . TYR A 1 2 ? -5.338  -6.923  -0.324 1.00 2.35  ? 169 TYR A C   1 
ATOM   13 O  O   . TYR A 1 2 ? -4.683  -7.414  0.600  1.00 1.36  ? 169 TYR A O   1 
ATOM   14 C  CB  . TYR A 1 2 ? -7.648  -6.824  0.682  1.00 2.29  ? 169 TYR A CB  1 
ATOM   15 C  CG  . TYR A 1 2 ? -7.504  -5.333  1.014  1.00 3.26  ? 169 TYR A CG  1 
ATOM   16 C  CD1 . TYR A 1 2 ? -6.411  -4.849  1.752  1.00 3.02  ? 169 TYR A CD1 1 
ATOM   17 C  CD2 . TYR A 1 2 ? -8.492  -4.425  0.626  1.00 3.05  ? 169 TYR A CD2 1 
ATOM   18 C  CE1 . TYR A 1 2 ? -6.302  -3.482  2.053  1.00 2.87  ? 169 TYR A CE1 1 
ATOM   19 C  CE2 . TYR A 1 2 ? -8.385  -3.061  0.922  1.00 4.03  ? 169 TYR A CE2 1 
ATOM   20 C  CZ  . TYR A 1 2 ? -7.289  -2.606  1.640  1.00 3.38  ? 169 TYR A CZ  1 
ATOM   21 O  OH  . TYR A 1 2 ? -7.163  -1.269  1.967  1.00 4.64  ? 169 TYR A OH  1 
ATOM   22 N  N   . ASN A 1 3 ? -4.819  -6.053  -1.196 1.00 2.30  ? 170 ASN A N   1 
ATOM   23 C  CA  . ASN A 1 3 ? -3.480  -5.513  -1.024 1.00 2.30  ? 170 ASN A CA  1 
ATOM   24 C  C   . ASN A 1 3 ? -3.521  -3.998  -1.119 1.00 1.45  ? 170 ASN A C   1 
ATOM   25 O  O   . ASN A 1 3 ? -4.037  -3.467  -2.104 1.00 4.86  ? 170 ASN A O   1 
ATOM   26 C  CB  . ASN A 1 3 ? -2.546  -5.987  -2.131 1.00 1.41  ? 170 ASN A CB  1 
ATOM   27 C  CG  . ASN A 1 3 ? -1.197  -5.343  -2.044 1.00 1.64  ? 170 ASN A CG  1 
ATOM   28 O  OD1 . ASN A 1 3 ? -0.431  -5.599  -1.101 1.00 4.30  ? 170 ASN A OD1 1 
ATOM   29 N  ND2 . ASN A 1 3 ? -0.891  -4.485  -3.001 1.00 3.45  ? 170 ASN A ND2 1 
ATOM   30 N  N   . ASN A 1 4 ? -2.941  -3.310  -0.136 1.00 1.30  ? 171 ASN A N   1 
ATOM   31 C  CA  . ASN A 1 4 ? -2.768  -1.861  -0.187 1.00 1.51  ? 171 ASN A CA  1 
ATOM   32 C  C   . ASN A 1 4 ? -1.351  -1.585  0.294  1.00 1.36  ? 171 ASN A C   1 
ATOM   33 O  O   . ASN A 1 4 ? -1.050  -1.823  1.466  1.00 3.08  ? 171 ASN A O   1 
ATOM   34 C  CB  . ASN A 1 4 ? -3.823  -1.129  0.669  1.00 2.60  ? 171 ASN A CB  1 
ATOM   35 C  CG  . ASN A 1 4 ? -3.563  0.377   0.825  1.00 2.23  ? 171 ASN A CG  1 
ATOM   36 O  OD1 . ASN A 1 4 ? -3.875  0.950   1.879  1.00 3.16  ? 171 ASN A OD1 1 
ATOM   37 N  ND2 . ASN A 1 4 ? -3.029  1.008   -0.215 1.00 3.65  ? 171 ASN A ND2 1 
ATOM   38 N  N   . GLN A 1 5 ? -0.482  -1.155  -0.624 1.00 2.22  ? 172 GLN A N   1 
ATOM   39 C  CA  . GLN A 1 5 ? 0.879   -0.734  -0.310 1.00 0.75  ? 172 GLN A CA  1 
ATOM   40 C  C   . GLN A 1 5 ? 0.988   0.783   -0.473 1.00 1.14  ? 172 GLN A C   1 
ATOM   41 O  O   . GLN A 1 5 ? 0.777   1.314   -1.568 1.00 3.04  ? 172 GLN A O   1 
ATOM   42 C  CB  . GLN A 1 5 ? 1.874   -1.453  -1.215 1.00 0.80  ? 172 GLN A CB  1 
ATOM   43 C  CG  . GLN A 1 5 ? 1.981   -2.952  -0.975 1.00 1.80  ? 172 GLN A CG  1 
ATOM   44 C  CD  . GLN A 1 5 ? 2.530   -3.709  -2.138 1.00 1.32  ? 172 GLN A CD  1 
ATOM   45 O  OE1 . GLN A 1 5 ? 2.113   -3.491  -3.273 1.00 3.51  ? 172 GLN A OE1 1 
ATOM   46 N  NE2 . GLN A 1 5 ? 3.441   -4.635  -1.870 1.00 4.73  ? 172 GLN A NE2 1 
ATOM   47 N  N   . ASN A 1 6 ? 1.357   1.466   0.607  1.00 2.56  ? 173 ASN A N   1 
ATOM   48 C  CA  . ASN A 1 6 ? 1.489   2.915   0.594  1.00 1.60  ? 173 ASN A CA  1 
ATOM   49 C  C   . ASN A 1 6 ? 2.913   3.318   0.947  1.00 1.89  ? 173 ASN A C   1 
ATOM   50 O  O   . ASN A 1 6 ? 3.492   2.791   1.903  1.00 4.67  ? 173 ASN A O   1 
ATOM   51 C  CB  . ASN A 1 6 ? 0.601   3.563   1.632  1.00 2.10  ? 173 ASN A CB  1 
ATOM   52 C  CG  . ASN A 1 6 ? -0.854  3.322   1.392  1.00 2.38  ? 173 ASN A CG  1 
ATOM   53 O  OD1 . ASN A 1 6 ? -1.329  3.431   0.268  1.00 4.45  ? 173 ASN A OD1 1 
ATOM   54 N  ND2 . ASN A 1 6 ? -1.581  3.057   2.455  1.00 2.93  ? 173 ASN A ND2 1 
ATOM   55 N  N   . SER A 1 7 ? 3.436   4.296   0.212  1.00 1.44  ? 174 SER A N   1 
ATOM   56 C  CA  . SER A 1 7 ? 4.745   4.875   0.464  1.00 1.91  ? 174 SER A CA  1 
ATOM   57 C  C   . SER A 1 7 ? 4.640   6.395   0.450  1.00 1.83  ? 174 SER A C   1 
ATOM   58 O  O   . SER A 1 7 ? 4.160   6.983   -0.523 1.00 4.73  ? 174 SER A O   1 
ATOM   59 C  CB  . SER A 1 7 ? 5.748   4.398   -0.580 1.00 2.50  ? 174 SER A CB  1 
ATOM   60 O  OG  . SER A 1 7 ? 6.982   5.055   -0.448 1.00 4.00  ? 174 SER A OG  1 
ATOM   61 N  N   . PHE A 1 8 ? 5.111   7.017   1.525  1.00 2.90  ? 175 PHE A N   1 
ATOM   62 C  CA  . PHE A 1 8 ? 5.129   8.465   1.671  1.00 2.94  ? 175 PHE A CA  1 
ATOM   63 C  C   . PHE A 1 8 ? 6.561   8.863   1.962  1.00 3.22  ? 175 PHE A C   1 
ATOM   64 O  O   . PHE A 1 8 ? 7.129   8.427   2.968  1.00 7.23  ? 175 PHE A O   1 
ATOM   65 C  CB  . PHE A 1 8 ? 4.244   8.930   2.814  1.00 2.82  ? 175 PHE A CB  1 
ATOM   66 C  CG  . PHE A 1 8 ? 2.824   8.516   2.690  1.00 3.63  ? 175 PHE A CG  1 
ATOM   67 C  CD1 . PHE A 1 8 ? 2.406   7.302   3.189  1.00 4.60  ? 175 PHE A CD1 1 
ATOM   68 C  CD2 . PHE A 1 8 ? 1.900   9.338   2.062  1.00 4.64  ? 175 PHE A CD2 1 
ATOM   69 C  CE1 . PHE A 1 8 ? 1.101   6.914   3.081  1.00 4.94  ? 175 PHE A CE1 1 
ATOM   70 C  CE2 . PHE A 1 8 ? 0.571   8.963   1.963  1.00 4.38  ? 175 PHE A CE2 1 
ATOM   71 C  CZ  . PHE A 1 8 ? 0.174   7.747   2.467  1.00 5.41  ? 175 PHE A CZ  1 
ATOM   72 N  N   . VAL A 1 9 ? 7.144   9.668   1.078  1.00 4.71  ? 176 VAL A N   1 
ATOM   73 C  CA  . VAL A 1 9 ? 8.565   9.954   1.082  1.00 4.08  ? 176 VAL A CA  1 
ATOM   74 C  C   . VAL A 1 9 ? 8.765   11.440  0.794  1.00 4.05  ? 176 VAL A C   1 
ATOM   75 O  O   . VAL A 1 9 ? 7.791   12.118  0.438  1.00 7.38  ? 176 VAL A O   1 
ATOM   76 C  CB  . VAL A 1 9 ? 9.273   9.083   0.000  1.00 7.96  ? 176 VAL A CB  1 
ATOM   77 C  CG1 . VAL A 1 9 ? 10.756  9.301   -0.017 1.00 7.18  ? 176 VAL A CG1 1 
ATOM   78 C  CG2 . VAL A 1 9 ? 8.966   7.626   0.194  1.00 8.53  ? 176 VAL A CG2 1 
ATOM   79 O  OXT . VAL A 1 9 ? 9.862   11.992  0.868  1.00 5.43  ? 176 VAL A OXT 1 
HETATM 80 AS AS  . CAC B 2 . ? -10.966 -10.399 2.114  1.00 12.92 ? 201 CAC A AS  1 
HETATM 81 O  O1  . CAC B 2 . ? -11.072 -11.969 2.840  1.00 8.76  ? 201 CAC A O1  1 
HETATM 82 O  O2  . CAC B 2 . ? -10.006 -10.382 0.673  1.00 11.70 ? 201 CAC A O2  1 
HETATM 83 C  C1  . CAC B 2 . ? -10.120 -9.128  3.348  1.00 8.84  ? 201 CAC A C1  1 
HETATM 84 C  C2  . CAC B 2 . ? -12.785 -9.746  1.764  1.00 10.88 ? 201 CAC A C2  1 
HETATM 85 NA NA  . NA  C 3 . ? -10.622 -11.339 -0.949 1.00 3.69  ? 202 NA  A NA  1 
HETATM 86 O  O   . HOH D 4 . ? -5.400  -0.558  3.711  1.00 6.19  ? 301 HOH A O   1 
HETATM 87 O  O   . HOH D 4 . ? 6.952   7.030   -2.324 1.00 11.78 ? 302 HOH A O   1 
HETATM 88 O  O   . HOH D 4 . ? 5.137   12.194  1.395  1.00 9.05  ? 303 HOH A O   1 
# 
